data_3DLC
#
_entry.id   3DLC
#
_cell.length_a   39.610
_cell.length_b   63.500
_cell.length_c   75.440
_cell.angle_alpha   90.000
_cell.angle_beta   90.000
_cell.angle_gamma   90.000
#
_symmetry.space_group_name_H-M   'P 21 21 21'
#
loop_
_entity.id
_entity.type
_entity.pdbx_description
1 polymer 'Putative S-adenosyl-L-methionine-dependent Methyltransferase'
2 non-polymer 'ACETATE ION'
3 non-polymer S-ADENOSYLMETHIONINE
4 non-polymer GLYCEROL
5 water water
#
_entity_poly.entity_id   1
_entity_poly.type   'polypeptide(L)'
_entity_poly.pdbx_seq_one_letter_code
;G(MSE)SENKKKFDKKGAKN(MSE)DEISKTLFAPIYPIIAENIINRFGITAGTCIDIGSGPGALSIALAKQSDFSIRAL
DFSKH(MSE)NEIALKNIADANLNDRIQIVQGDVHNIPIEDNYADLIVSRGSVFFWEDVATAFREIYRILKSGGKTYIGG
GFGNKELRDSISAE(MSE)IRKNPDWKEFNRKNISQENVERFQNVLDEIGISSYEIILGDEGFWIIISKTDQEVI
;
_entity_poly.pdbx_strand_id   A
#
# COMPACT_ATOMS: atom_id res chain seq x y z
N GLY A 1 -38.82 -7.53 -7.14
CA GLY A 1 -37.55 -8.19 -7.53
C GLY A 1 -36.54 -8.13 -6.39
N SER A 3 -32.01 -8.83 -5.68
CA SER A 3 -30.72 -9.10 -6.19
C SER A 3 -29.73 -9.49 -5.11
N GLU A 4 -28.74 -10.25 -5.53
CA GLU A 4 -27.57 -10.56 -4.73
CA GLU A 4 -27.57 -10.51 -4.71
C GLU A 4 -26.44 -9.88 -5.50
N ASN A 5 -25.63 -9.09 -4.84
CA ASN A 5 -24.64 -8.23 -5.46
CA ASN A 5 -24.63 -8.32 -5.52
C ASN A 5 -23.27 -8.50 -4.91
N LYS A 6 -22.30 -8.45 -5.79
CA LYS A 6 -20.87 -8.60 -5.47
C LYS A 6 -20.16 -7.46 -6.17
N LYS A 7 -19.33 -6.72 -5.43
CA LYS A 7 -18.57 -5.61 -5.99
C LYS A 7 -17.23 -5.53 -5.28
N LYS A 8 -16.27 -4.84 -5.89
CA LYS A 8 -14.96 -4.81 -5.29
C LYS A 8 -14.96 -4.24 -3.89
N PHE A 9 -14.20 -4.91 -3.05
CA PHE A 9 -13.90 -4.47 -1.68
C PHE A 9 -15.05 -4.58 -0.70
N ASP A 10 -16.03 -5.38 -1.10
CA ASP A 10 -17.19 -5.69 -0.24
C ASP A 10 -16.85 -6.81 0.74
N LYS A 11 -17.84 -7.31 1.47
CA LYS A 11 -17.54 -8.30 2.47
C LYS A 11 -16.91 -9.56 1.88
N LYS A 12 -17.49 -10.06 0.80
CA LYS A 12 -16.93 -11.23 0.15
C LYS A 12 -15.54 -10.98 -0.42
N GLY A 13 -15.35 -9.82 -1.01
CA GLY A 13 -14.05 -9.49 -1.57
C GLY A 13 -12.99 -9.33 -0.51
N ALA A 14 -13.37 -8.76 0.63
CA ALA A 14 -12.45 -8.58 1.75
C ALA A 14 -11.99 -9.96 2.25
N LYS A 15 -12.92 -10.90 2.34
CA LYS A 15 -12.59 -12.27 2.73
CA LYS A 15 -12.57 -12.27 2.73
C LYS A 15 -11.58 -12.89 1.76
N ASN A 16 -11.80 -12.70 0.47
CA ASN A 16 -10.86 -13.26 -0.53
C ASN A 16 -9.47 -12.66 -0.38
N ASP A 18 -8.20 -11.30 2.31
CA ASP A 18 -7.65 -11.77 3.57
C ASP A 18 -7.09 -13.19 3.40
N GLU A 19 -7.85 -14.06 2.75
CA GLU A 19 -7.39 -15.45 2.57
C GLU A 19 -6.12 -15.53 1.77
N ILE A 20 -6.02 -14.74 0.72
CA ILE A 20 -4.81 -14.72 -0.11
C ILE A 20 -3.63 -14.12 0.67
N SER A 21 -3.89 -13.04 1.40
CA SER A 21 -2.91 -12.36 2.22
CA SER A 21 -2.79 -12.41 2.12
C SER A 21 -2.25 -13.30 3.25
N LYS A 22 -3.05 -14.21 3.77
CA LYS A 22 -2.66 -15.18 4.82
CA LYS A 22 -2.54 -15.11 4.83
C LYS A 22 -2.02 -16.44 4.27
N THR A 23 -2.13 -16.63 2.96
CA THR A 23 -1.65 -17.83 2.32
C THR A 23 -0.63 -17.52 1.23
N LEU A 24 -1.07 -17.48 0.00
CA LEU A 24 -0.19 -17.32 -1.14
C LEU A 24 0.69 -16.06 -1.05
N PHE A 25 0.13 -14.95 -0.62
CA PHE A 25 0.90 -13.71 -0.57
C PHE A 25 1.66 -13.52 0.74
N ALA A 26 1.41 -14.37 1.74
CA ALA A 26 1.97 -14.11 3.06
C ALA A 26 3.47 -13.78 3.08
N PRO A 27 4.31 -14.51 2.34
CA PRO A 27 5.74 -14.21 2.42
C PRO A 27 6.17 -12.84 1.89
N ILE A 28 5.33 -12.22 1.06
CA ILE A 28 5.77 -10.96 0.46
C ILE A 28 5.81 -9.83 1.46
N TYR A 29 4.97 -9.89 2.50
CA TYR A 29 4.82 -8.72 3.36
C TYR A 29 6.11 -8.46 4.19
N PRO A 30 6.69 -9.49 4.83
CA PRO A 30 7.94 -9.23 5.51
C PRO A 30 9.06 -8.78 4.58
N ILE A 31 9.08 -9.29 3.36
CA ILE A 31 10.11 -8.91 2.39
C ILE A 31 9.94 -7.44 1.99
N ILE A 32 8.71 -7.04 1.68
CA ILE A 32 8.47 -5.66 1.31
C ILE A 32 8.81 -4.74 2.48
N ALA A 33 8.39 -5.11 3.70
CA ALA A 33 8.73 -4.32 4.88
C ALA A 33 10.22 -4.15 5.04
N GLU A 34 10.95 -5.24 4.86
CA GLU A 34 12.39 -5.22 4.95
C GLU A 34 12.98 -4.33 3.87
N ASN A 35 12.45 -4.43 2.66
CA ASN A 35 12.91 -3.59 1.56
C ASN A 35 12.76 -2.11 1.93
N ILE A 36 11.61 -1.74 2.53
CA ILE A 36 11.32 -0.37 2.88
C ILE A 36 12.28 0.12 3.98
N ILE A 37 12.45 -0.70 5.00
CA ILE A 37 13.38 -0.36 6.09
C ILE A 37 14.78 -0.17 5.55
N ASN A 38 15.21 -1.10 4.71
CA ASN A 38 16.57 -1.04 4.18
C ASN A 38 16.76 0.15 3.26
N ARG A 39 15.74 0.50 2.49
CA ARG A 39 15.90 1.54 1.52
CA ARG A 39 15.88 1.56 1.51
C ARG A 39 16.05 2.94 2.14
N PHE A 40 15.16 3.27 3.12
CA PHE A 40 15.15 4.58 3.67
C PHE A 40 15.75 4.74 5.04
N GLY A 41 15.94 3.66 5.77
CA GLY A 41 16.50 3.79 7.11
C GLY A 41 15.60 4.45 8.12
N ILE A 42 14.30 4.53 7.82
CA ILE A 42 13.28 5.08 8.74
C ILE A 42 12.72 3.92 9.51
N THR A 43 12.87 3.95 10.85
CA THR A 43 12.51 2.76 11.67
C THR A 43 11.52 3.10 12.81
N ALA A 44 11.25 4.39 12.95
CA ALA A 44 10.36 4.92 13.96
C ALA A 44 9.68 6.20 13.48
N GLY A 45 8.79 6.71 14.30
CA GLY A 45 7.97 7.88 13.93
C GLY A 45 6.61 7.37 13.48
N THR A 46 6.05 8.02 12.47
CA THR A 46 4.72 7.71 11.99
C THR A 46 4.75 7.16 10.58
N CYS A 47 3.98 6.10 10.39
CA CYS A 47 3.83 5.46 9.09
C CYS A 47 2.36 5.29 8.75
N ILE A 48 1.98 5.73 7.56
CA ILE A 48 0.61 5.56 7.08
C ILE A 48 0.64 4.52 5.97
N ASP A 49 -0.19 3.48 6.09
CA ASP A 49 -0.37 2.42 5.09
C ASP A 49 -1.71 2.70 4.41
N ILE A 50 -1.65 3.17 3.17
CA ILE A 50 -2.84 3.58 2.42
C ILE A 50 -3.38 2.39 1.64
N GLY A 51 -4.67 2.14 1.80
CA GLY A 51 -5.30 0.98 1.20
C GLY A 51 -4.80 -0.28 1.86
N SER A 52 -4.81 -0.27 3.20
CA SER A 52 -4.21 -1.29 4.02
C SER A 52 -4.89 -2.66 3.92
N GLY A 53 -6.16 -2.68 3.53
CA GLY A 53 -6.84 -3.93 3.31
C GLY A 53 -6.90 -4.76 4.58
N PRO A 54 -6.62 -6.07 4.49
CA PRO A 54 -6.62 -6.90 5.69
C PRO A 54 -5.48 -6.61 6.68
N GLY A 55 -4.56 -5.71 6.31
CA GLY A 55 -3.54 -5.21 7.21
C GLY A 55 -2.19 -5.85 7.18
N ALA A 56 -1.93 -6.76 6.22
CA ALA A 56 -0.71 -7.54 6.29
C ALA A 56 0.56 -6.72 6.15
N LEU A 57 0.55 -5.65 5.37
CA LEU A 57 1.79 -4.85 5.24
C LEU A 57 2.05 -4.10 6.54
N SER A 58 1.00 -3.57 7.14
CA SER A 58 1.14 -2.87 8.42
C SER A 58 1.65 -3.83 9.51
N ILE A 59 1.09 -5.03 9.56
CA ILE A 59 1.51 -6.05 10.52
C ILE A 59 3.01 -6.39 10.31
N ALA A 60 3.43 -6.58 9.06
CA ALA A 60 4.81 -6.91 8.81
C ALA A 60 5.74 -5.78 9.21
N LEU A 61 5.35 -4.54 8.91
CA LEU A 61 6.17 -3.39 9.31
CA LEU A 61 6.17 -3.40 9.30
C LEU A 61 6.26 -3.26 10.83
N ALA A 62 5.14 -3.47 11.52
CA ALA A 62 5.15 -3.39 12.98
C ALA A 62 6.13 -4.38 13.59
N LYS A 63 6.18 -5.58 13.02
CA LYS A 63 7.04 -6.61 13.57
C LYS A 63 8.52 -6.36 13.36
N GLN A 64 8.86 -5.48 12.43
CA GLN A 64 10.25 -5.20 12.10
C GLN A 64 10.73 -3.83 12.48
N SER A 65 9.90 -3.00 13.13
CA SER A 65 10.24 -1.61 13.39
C SER A 65 9.56 -1.10 14.64
N ASP A 66 9.78 0.18 14.93
CA ASP A 66 9.18 0.86 16.06
C ASP A 66 8.18 1.94 15.63
N PHE A 67 7.69 1.85 14.40
CA PHE A 67 6.72 2.82 13.96
C PHE A 67 5.37 2.77 14.67
N SER A 68 4.76 3.94 14.78
CA SER A 68 3.35 4.07 15.09
CA SER A 68 3.34 4.03 15.10
CA SER A 68 3.35 4.07 15.10
C SER A 68 2.67 4.07 13.73
N ILE A 69 1.84 3.07 13.47
CA ILE A 69 1.23 2.90 12.13
C ILE A 69 -0.24 3.18 12.12
N ARG A 70 -0.68 3.87 11.07
CA ARG A 70 -2.12 4.07 10.83
CA ARG A 70 -2.11 4.10 10.83
C ARG A 70 -2.41 3.41 9.49
N ALA A 71 -3.36 2.50 9.52
CA ALA A 71 -3.81 1.71 8.37
C ALA A 71 -5.11 2.30 7.86
N LEU A 72 -5.02 2.99 6.72
CA LEU A 72 -6.13 3.71 6.14
C LEU A 72 -6.77 2.90 5.02
N ASP A 73 -8.07 2.68 5.11
CA ASP A 73 -8.79 1.99 4.03
C ASP A 73 -10.22 2.51 3.96
N PHE A 74 -10.74 2.65 2.75
CA PHE A 74 -12.08 3.16 2.55
C PHE A 74 -13.17 2.12 2.64
N SER A 75 -12.81 0.86 2.84
CA SER A 75 -13.79 -0.23 2.93
C SER A 75 -14.00 -0.66 4.36
N LYS A 76 -15.20 -0.45 4.87
CA LYS A 76 -15.59 -0.89 6.21
CA LYS A 76 -15.48 -0.88 6.24
C LYS A 76 -15.33 -2.38 6.35
N HIS A 77 -15.58 -3.15 5.29
CA HIS A 77 -15.42 -4.61 5.34
C HIS A 77 -13.97 -5.02 5.50
N ASN A 79 -11.76 -3.06 6.90
CA ASN A 79 -11.35 -2.60 8.22
C ASN A 79 -11.80 -3.53 9.33
N GLU A 80 -12.95 -4.15 9.15
CA GLU A 80 -13.44 -5.12 10.16
CA GLU A 80 -13.45 -5.11 10.15
C GLU A 80 -12.47 -6.30 10.23
N ILE A 81 -12.04 -6.79 9.07
CA ILE A 81 -11.11 -7.91 9.04
C ILE A 81 -9.75 -7.47 9.61
N ALA A 82 -9.29 -6.28 9.22
CA ALA A 82 -7.98 -5.79 9.67
C ALA A 82 -7.97 -5.69 11.19
N LEU A 83 -9.06 -5.19 11.77
CA LEU A 83 -9.14 -5.05 13.21
CA LEU A 83 -9.11 -5.04 13.21
C LEU A 83 -8.93 -6.40 13.90
N LYS A 84 -9.59 -7.42 13.37
CA LYS A 84 -9.47 -8.77 13.91
C LYS A 84 -8.04 -9.25 13.72
N ASN A 85 -7.46 -9.05 12.53
CA ASN A 85 -6.10 -9.50 12.29
C ASN A 85 -5.06 -8.86 13.21
N ILE A 86 -5.20 -7.56 13.42
CA ILE A 86 -4.29 -6.81 14.26
CA ILE A 86 -4.21 -6.88 14.27
C ILE A 86 -4.40 -7.29 15.72
N ALA A 87 -5.63 -7.52 16.13
CA ALA A 87 -5.87 -8.01 17.50
C ALA A 87 -5.29 -9.43 17.68
N ASP A 88 -5.53 -10.29 16.71
CA ASP A 88 -5.04 -11.66 16.76
C ASP A 88 -3.53 -11.67 16.86
N ALA A 89 -2.89 -10.72 16.21
CA ALA A 89 -1.43 -10.59 16.20
C ALA A 89 -0.87 -9.88 17.43
N ASN A 90 -1.74 -9.44 18.32
CA ASN A 90 -1.35 -8.66 19.51
CA ASN A 90 -1.36 -8.65 19.52
C ASN A 90 -0.63 -7.37 19.12
N LEU A 91 -1.19 -6.69 18.13
CA LEU A 91 -0.61 -5.44 17.62
C LEU A 91 -1.53 -4.24 17.68
N ASN A 92 -2.56 -4.30 18.51
CA ASN A 92 -3.50 -3.17 18.64
CA ASN A 92 -3.50 -3.23 18.71
CA ASN A 92 -3.48 -3.15 18.62
C ASN A 92 -2.80 -1.91 19.08
N ASP A 93 -1.73 -2.07 19.84
CA ASP A 93 -0.92 -0.94 20.30
C ASP A 93 -0.07 -0.31 19.22
N ARG A 94 0.14 -1.03 18.13
CA ARG A 94 1.05 -0.63 17.06
C ARG A 94 0.38 -0.05 15.83
N ILE A 95 -0.87 -0.46 15.59
CA ILE A 95 -1.56 -0.15 14.36
C ILE A 95 -2.97 0.31 14.68
N GLN A 96 -3.29 1.51 14.23
CA GLN A 96 -4.62 2.09 14.33
C GLN A 96 -5.30 2.00 12.98
N ILE A 97 -6.50 1.42 12.92
CA ILE A 97 -7.26 1.34 11.70
C ILE A 97 -8.03 2.63 11.54
N VAL A 98 -7.90 3.24 10.36
CA VAL A 98 -8.57 4.49 10.04
C VAL A 98 -9.48 4.32 8.83
N GLN A 99 -10.75 4.58 9.04
CA GLN A 99 -11.74 4.51 7.99
C GLN A 99 -11.64 5.79 7.19
N GLY A 100 -11.28 5.71 5.92
CA GLY A 100 -11.19 6.92 5.12
C GLY A 100 -10.61 6.63 3.76
N ASP A 101 -10.57 7.69 2.97
CA ASP A 101 -10.25 7.67 1.55
C ASP A 101 -9.01 8.50 1.26
N VAL A 102 -8.15 7.98 0.38
CA VAL A 102 -6.93 8.67 -0.04
C VAL A 102 -7.24 10.08 -0.61
N HIS A 103 -8.46 10.28 -1.09
CA HIS A 103 -8.80 11.58 -1.67
C HIS A 103 -9.20 12.61 -0.63
N ASN A 104 -9.26 12.22 0.63
CA ASN A 104 -9.63 13.14 1.70
C ASN A 104 -9.18 12.52 3.01
N ILE A 105 -7.88 12.55 3.20
CA ILE A 105 -7.26 11.78 4.29
C ILE A 105 -7.48 12.48 5.62
N PRO A 106 -8.03 11.77 6.62
CA PRO A 106 -8.34 12.38 7.93
C PRO A 106 -7.14 12.40 8.85
N ILE A 107 -6.09 13.01 8.33
CA ILE A 107 -4.81 13.15 9.02
CA ILE A 107 -4.78 13.17 8.99
C ILE A 107 -4.31 14.58 8.79
N GLU A 108 -3.69 15.14 9.81
CA GLU A 108 -3.19 16.51 9.72
C GLU A 108 -2.03 16.66 8.74
N ASP A 109 -1.80 17.90 8.38
CA ASP A 109 -0.71 18.25 7.50
C ASP A 109 0.64 17.84 8.11
N ASN A 110 1.55 17.37 7.25
CA ASN A 110 2.95 17.17 7.63
C ASN A 110 3.15 16.20 8.77
N TYR A 111 2.31 15.19 8.83
CA TYR A 111 2.30 14.23 9.90
C TYR A 111 3.18 13.00 9.73
N ALA A 112 3.28 12.48 8.52
CA ALA A 112 3.84 11.16 8.29
C ALA A 112 5.32 11.18 7.94
N ASP A 113 6.09 10.41 8.67
CA ASP A 113 7.48 10.17 8.29
C ASP A 113 7.62 9.28 7.06
N LEU A 114 6.68 8.35 6.93
CA LEU A 114 6.69 7.35 5.88
C LEU A 114 5.27 7.05 5.46
N ILE A 115 5.03 6.99 4.15
CA ILE A 115 3.73 6.59 3.61
C ILE A 115 3.98 5.41 2.69
N VAL A 116 3.31 4.29 2.96
CA VAL A 116 3.42 3.10 2.15
C VAL A 116 2.03 2.74 1.61
N SER A 117 2.02 2.00 0.51
CA SER A 117 0.76 1.50 -0.05
C SER A 117 1.06 0.42 -1.06
N ARG A 118 0.40 -0.74 -0.89
CA ARG A 118 0.55 -1.85 -1.82
C ARG A 118 -0.78 -2.19 -2.44
N GLY A 119 -0.80 -2.31 -3.75
N GLY A 119 -0.77 -2.16 -3.79
CA GLY A 119 -1.98 -2.81 -4.42
CA GLY A 119 -1.87 -2.52 -4.70
C GLY A 119 -3.23 -1.97 -4.40
C GLY A 119 -2.92 -1.47 -4.99
N SER A 120 -3.12 -0.70 -4.00
CA SER A 120 -4.24 0.23 -3.97
C SER A 120 -4.22 1.29 -5.08
N VAL A 121 -3.04 1.81 -5.40
CA VAL A 121 -2.92 2.91 -6.34
C VAL A 121 -3.53 2.61 -7.69
N PHE A 122 -3.52 1.34 -8.09
CA PHE A 122 -4.01 0.91 -9.40
C PHE A 122 -5.52 1.03 -9.52
N PHE A 123 -6.19 1.24 -8.40
CA PHE A 123 -7.66 1.38 -8.37
C PHE A 123 -8.13 2.82 -8.20
N TRP A 124 -7.29 3.72 -7.75
CA TRP A 124 -7.77 5.06 -7.38
C TRP A 124 -8.32 5.85 -8.53
N GLU A 125 -9.47 6.45 -8.28
CA GLU A 125 -10.08 7.40 -9.21
CA GLU A 125 -10.06 7.40 -9.23
C GLU A 125 -9.28 8.72 -8.99
N ASP A 126 -9.37 9.73 -9.84
CA ASP A 126 -8.69 10.99 -9.48
C ASP A 126 -7.34 10.96 -8.73
N VAL A 127 -6.35 10.45 -9.45
CA VAL A 127 -5.03 10.29 -8.87
CA VAL A 127 -5.00 10.29 -8.93
C VAL A 127 -4.34 11.61 -8.56
N ALA A 128 -4.66 12.68 -9.29
CA ALA A 128 -4.06 13.99 -8.98
C ALA A 128 -4.45 14.40 -7.57
N THR A 129 -5.73 14.29 -7.24
CA THR A 129 -6.20 14.64 -5.92
C THR A 129 -5.59 13.73 -4.85
N ALA A 130 -5.51 12.45 -5.16
CA ALA A 130 -4.93 11.48 -4.22
C ALA A 130 -3.48 11.86 -3.88
N PHE A 131 -2.69 12.15 -4.91
CA PHE A 131 -1.29 12.50 -4.66
C PHE A 131 -1.09 13.86 -4.01
N ARG A 132 -1.99 14.81 -4.23
CA ARG A 132 -1.95 16.05 -3.46
C ARG A 132 -2.20 15.78 -1.98
N GLU A 133 -3.14 14.88 -1.69
CA GLU A 133 -3.40 14.53 -0.28
C GLU A 133 -2.20 13.82 0.36
N ILE A 134 -1.61 12.88 -0.37
CA ILE A 134 -0.42 12.17 0.08
C ILE A 134 0.68 13.17 0.39
N TYR A 135 0.88 14.12 -0.51
CA TYR A 135 1.94 15.09 -0.27
C TYR A 135 1.62 15.98 0.92
N ARG A 136 0.32 16.31 1.09
CA ARG A 136 -0.07 17.15 2.18
C ARG A 136 0.27 16.52 3.55
N ILE A 137 -0.01 15.24 3.69
CA ILE A 137 0.18 14.58 4.98
C ILE A 137 1.63 14.13 5.24
N LEU A 138 2.47 14.15 4.23
CA LEU A 138 3.88 13.77 4.34
C LEU A 138 4.66 14.88 5.05
N LYS A 139 5.48 14.47 6.01
N LYS A 139 5.48 14.53 6.03
CA LYS A 139 6.34 15.37 6.72
CA LYS A 139 6.30 15.53 6.68
C LYS A 139 7.52 15.77 5.84
C LYS A 139 7.45 15.95 5.79
N SER A 140 7.95 17.02 5.97
N SER A 140 8.05 17.10 6.12
CA SER A 140 9.15 17.47 5.29
CA SER A 140 9.26 17.51 5.46
C SER A 140 10.29 16.51 5.68
C SER A 140 10.29 16.43 5.72
N GLY A 141 10.99 16.02 4.68
CA GLY A 141 12.00 14.98 4.84
C GLY A 141 11.47 13.57 4.79
N GLY A 142 10.15 13.43 4.72
CA GLY A 142 9.48 12.14 4.64
C GLY A 142 9.62 11.47 3.30
N LYS A 143 9.28 10.17 3.28
CA LYS A 143 9.38 9.32 2.08
C LYS A 143 8.09 8.56 1.84
N THR A 144 7.85 8.21 0.59
CA THR A 144 6.75 7.31 0.23
C THR A 144 7.28 6.05 -0.46
N TYR A 145 6.44 5.03 -0.47
CA TYR A 145 6.72 3.77 -1.19
C TYR A 145 5.34 3.22 -1.54
N ILE A 146 4.85 3.68 -2.69
CA ILE A 146 3.44 3.49 -3.12
C ILE A 146 3.41 2.79 -4.46
N GLY A 147 2.79 1.61 -4.49
CA GLY A 147 2.83 0.84 -5.73
C GLY A 147 2.32 -0.55 -5.53
N GLY A 148 3.04 -1.51 -6.08
CA GLY A 148 2.66 -2.91 -5.93
C GLY A 148 3.77 -3.84 -6.31
N GLY A 149 3.62 -5.10 -5.96
CA GLY A 149 4.63 -6.08 -6.25
C GLY A 149 4.68 -7.16 -5.19
N PHE A 150 5.75 -7.93 -5.31
CA PHE A 150 5.93 -9.16 -4.53
CA PHE A 150 5.89 -9.12 -4.46
C PHE A 150 7.22 -9.24 -3.73
N GLY A 151 7.94 -8.14 -3.69
CA GLY A 151 9.13 -8.05 -2.86
C GLY A 151 10.43 -8.51 -3.47
N ASN A 152 10.42 -9.66 -4.15
CA ASN A 152 11.61 -10.09 -4.87
C ASN A 152 11.20 -10.98 -6.03
N LYS A 153 12.17 -11.32 -6.88
CA LYS A 153 11.88 -12.08 -8.08
C LYS A 153 11.38 -13.48 -7.80
N GLU A 154 11.96 -14.13 -6.79
CA GLU A 154 11.62 -15.53 -6.49
CA GLU A 154 11.60 -15.52 -6.53
C GLU A 154 10.14 -15.62 -6.10
N LEU A 155 9.72 -14.75 -5.21
CA LEU A 155 8.33 -14.72 -4.79
C LEU A 155 7.43 -14.28 -5.90
N ARG A 156 7.85 -13.28 -6.65
CA ARG A 156 7.05 -12.83 -7.77
C ARG A 156 6.72 -14.01 -8.70
N ASP A 157 7.74 -14.75 -9.04
CA ASP A 157 7.60 -15.83 -10.04
C ASP A 157 6.74 -16.98 -9.49
N SER A 158 6.97 -17.37 -8.25
CA SER A 158 6.21 -18.50 -7.70
C SER A 158 4.76 -18.12 -7.48
N ILE A 159 4.54 -16.92 -6.98
CA ILE A 159 3.17 -16.47 -6.74
C ILE A 159 2.44 -16.27 -8.03
N SER A 160 3.12 -15.73 -9.03
CA SER A 160 2.47 -15.50 -10.34
CA SER A 160 2.46 -15.47 -10.30
C SER A 160 1.93 -16.76 -10.91
N ALA A 161 2.72 -17.82 -10.86
CA ALA A 161 2.29 -19.07 -11.42
C ALA A 161 0.99 -19.54 -10.78
N GLU A 162 0.91 -19.42 -9.46
CA GLU A 162 -0.30 -19.85 -8.75
CA GLU A 162 -0.30 -19.83 -8.74
C GLU A 162 -1.47 -18.91 -9.04
N ILE A 164 -2.06 -17.16 -11.67
CA ILE A 164 -2.51 -17.39 -13.06
C ILE A 164 -3.39 -18.64 -13.12
N ARG A 165 -3.05 -19.66 -12.33
CA ARG A 165 -3.84 -20.87 -12.28
CA ARG A 165 -3.85 -20.89 -12.28
C ARG A 165 -5.22 -20.61 -11.67
N LYS A 166 -5.24 -19.83 -10.59
CA LYS A 166 -6.52 -19.54 -9.93
CA LYS A 166 -6.51 -19.49 -9.91
C LYS A 166 -7.39 -18.58 -10.72
N ASN A 167 -6.78 -17.51 -11.20
CA ASN A 167 -7.47 -16.40 -11.85
C ASN A 167 -6.76 -16.04 -13.16
N PRO A 168 -7.12 -16.71 -14.26
CA PRO A 168 -6.31 -16.53 -15.46
C PRO A 168 -6.18 -15.08 -15.94
N ASP A 169 -7.21 -14.26 -15.75
CA ASP A 169 -7.17 -12.86 -16.23
C ASP A 169 -6.28 -11.96 -15.39
N TRP A 170 -5.87 -12.43 -14.20
CA TRP A 170 -4.96 -11.65 -13.35
C TRP A 170 -3.65 -11.43 -14.09
N LYS A 171 -3.26 -12.36 -14.96
CA LYS A 171 -1.98 -12.25 -15.67
C LYS A 171 -1.89 -10.90 -16.40
N GLU A 172 -2.94 -10.56 -17.14
CA GLU A 172 -2.93 -9.32 -17.89
C GLU A 172 -3.06 -8.07 -17.03
N PHE A 173 -3.83 -8.13 -15.95
CA PHE A 173 -3.99 -6.96 -15.08
C PHE A 173 -2.67 -6.68 -14.38
N ASN A 174 -2.06 -7.72 -13.85
CA ASN A 174 -0.75 -7.55 -13.21
C ASN A 174 0.29 -7.00 -14.18
N ARG A 175 0.29 -7.50 -15.43
CA ARG A 175 1.24 -7.04 -16.43
CA ARG A 175 1.23 -7.04 -16.45
C ARG A 175 1.05 -5.55 -16.78
N LYS A 176 -0.18 -5.10 -16.75
CA LYS A 176 -0.48 -3.67 -16.95
C LYS A 176 -0.03 -2.86 -15.71
N ASN A 177 -0.29 -3.35 -14.51
CA ASN A 177 0.04 -2.65 -13.28
C ASN A 177 1.56 -2.43 -13.10
N ILE A 178 2.31 -3.50 -13.26
CA ILE A 178 3.74 -3.47 -12.96
C ILE A 178 4.49 -3.29 -14.27
N SER A 179 4.37 -2.09 -14.84
CA SER A 179 5.02 -1.79 -16.08
C SER A 179 5.26 -0.32 -16.30
N GLN A 180 5.92 -0.02 -17.43
CA GLN A 180 6.28 1.36 -17.73
C GLN A 180 5.09 2.22 -18.05
N GLU A 181 3.94 1.60 -18.32
CA GLU A 181 2.72 2.40 -18.53
C GLU A 181 2.44 3.24 -17.29
N ASN A 182 2.59 2.63 -16.13
CA ASN A 182 2.37 3.29 -14.86
C ASN A 182 3.52 4.18 -14.48
N VAL A 183 4.73 3.84 -14.91
CA VAL A 183 5.83 4.74 -14.64
C VAL A 183 5.51 6.07 -15.34
N GLU A 184 5.10 6.01 -16.59
CA GLU A 184 4.76 7.21 -17.34
CA GLU A 184 4.81 7.25 -17.31
C GLU A 184 3.55 7.92 -16.78
N ARG A 185 2.51 7.16 -16.49
CA ARG A 185 1.28 7.75 -15.98
C ARG A 185 1.55 8.56 -14.72
N PHE A 186 2.24 7.93 -13.79
CA PHE A 186 2.47 8.56 -12.48
C PHE A 186 3.54 9.66 -12.50
N GLN A 187 4.52 9.53 -13.38
CA GLN A 187 5.44 10.64 -13.58
C GLN A 187 4.62 11.86 -13.98
N ASN A 188 3.68 11.65 -14.93
CA ASN A 188 2.87 12.79 -15.39
C ASN A 188 2.01 13.39 -14.29
N VAL A 189 1.48 12.55 -13.42
CA VAL A 189 0.69 13.02 -12.30
C VAL A 189 1.53 13.86 -11.34
N LEU A 190 2.70 13.36 -10.96
CA LEU A 190 3.55 14.06 -10.03
C LEU A 190 4.06 15.35 -10.65
N ASP A 191 4.31 15.33 -11.95
CA ASP A 191 4.83 16.52 -12.63
C ASP A 191 3.76 17.61 -12.70
N GLU A 192 2.50 17.22 -12.86
CA GLU A 192 1.42 18.24 -12.87
C GLU A 192 1.32 18.88 -11.49
N ILE A 193 1.52 18.13 -10.41
CA ILE A 193 1.50 18.68 -9.05
C ILE A 193 2.69 19.58 -8.82
N GLY A 194 3.80 19.24 -9.44
CA GLY A 194 5.04 20.02 -9.35
C GLY A 194 6.07 19.56 -8.36
N ILE A 195 5.99 18.28 -7.99
CA ILE A 195 6.87 17.66 -7.01
CA ILE A 195 6.87 17.74 -6.96
C ILE A 195 8.33 17.83 -7.43
N SER A 196 9.15 18.37 -6.54
CA SER A 196 10.56 18.66 -6.87
C SER A 196 11.48 17.46 -6.89
N SER A 197 11.18 16.47 -6.04
CA SER A 197 12.05 15.32 -5.83
C SER A 197 11.26 14.03 -5.70
N TYR A 198 11.54 13.10 -6.62
CA TYR A 198 10.96 11.74 -6.54
C TYR A 198 11.77 10.77 -7.38
N GLU A 199 11.53 9.50 -7.08
CA GLU A 199 11.93 8.39 -7.91
C GLU A 199 10.69 7.53 -8.17
N ILE A 200 10.55 7.02 -9.37
CA ILE A 200 9.52 6.01 -9.66
C ILE A 200 10.32 4.84 -10.19
N ILE A 201 10.21 3.70 -9.53
CA ILE A 201 11.03 2.51 -9.83
CA ILE A 201 11.04 2.56 -9.89
C ILE A 201 10.20 1.36 -10.32
N LEU A 202 10.84 0.53 -11.13
CA LEU A 202 10.26 -0.69 -11.64
C LEU A 202 11.35 -1.72 -11.73
N GLY A 203 11.16 -2.83 -11.02
CA GLY A 203 12.12 -3.89 -11.03
C GLY A 203 11.58 -5.14 -10.40
N ASP A 204 12.47 -6.01 -9.99
CA ASP A 204 12.03 -7.32 -9.48
C ASP A 204 11.22 -7.21 -8.20
N GLU A 205 11.30 -6.11 -7.51
N GLU A 205 11.39 -6.07 -7.51
CA GLU A 205 10.57 -5.96 -6.27
CA GLU A 205 10.74 -5.73 -6.21
C GLU A 205 9.20 -5.36 -6.47
C GLU A 205 9.34 -5.17 -6.42
N GLY A 206 8.99 -4.90 -7.69
CA GLY A 206 7.70 -4.32 -8.10
C GLY A 206 7.81 -2.93 -8.71
N PHE A 207 6.68 -2.22 -8.68
CA PHE A 207 6.52 -0.85 -9.18
C PHE A 207 6.27 0.01 -7.96
N TRP A 208 7.08 1.06 -7.73
CA TRP A 208 6.93 1.87 -6.51
C TRP A 208 7.26 3.33 -6.79
N ILE A 209 6.38 4.19 -6.25
CA ILE A 209 6.48 5.64 -6.32
C ILE A 209 7.07 6.13 -5.01
N ILE A 210 8.21 6.80 -5.11
CA ILE A 210 9.00 7.22 -3.96
C ILE A 210 9.23 8.73 -3.98
N ILE A 211 8.31 9.43 -3.33
CA ILE A 211 8.35 10.87 -3.23
C ILE A 211 9.15 11.25 -2.00
N SER A 212 9.94 12.31 -2.14
CA SER A 212 10.65 12.92 -1.02
C SER A 212 10.14 14.31 -0.84
N LYS A 213 9.60 14.67 0.30
CA LYS A 213 9.17 16.03 0.49
C LYS A 213 10.34 16.86 0.91
N THR A 214 10.61 17.86 0.11
CA THR A 214 11.76 18.71 0.33
C THR A 214 11.38 20.13 0.01
N ASP A 215 12.19 21.07 0.50
CA ASP A 215 11.97 22.49 0.23
C ASP A 215 11.99 22.67 -1.30
N GLN A 216 10.93 23.24 -1.84
CA GLN A 216 10.73 23.21 -3.26
C GLN A 216 11.69 24.06 -4.07
N GLU A 217 11.83 23.68 -5.33
CA GLU A 217 12.78 24.35 -6.21
C GLU A 217 12.31 25.69 -6.73
N VAL A 218 11.00 25.89 -6.83
CA VAL A 218 10.47 27.17 -7.33
C VAL A 218 10.21 28.10 -6.17
N ILE A 219 11.05 29.12 -6.07
CA ILE A 219 10.94 30.18 -5.09
C ILE A 219 11.29 31.53 -5.72
#